data_4U17
#
_entry.id   4U17
#
_cell.length_a   88.965
_cell.length_b   57.873
_cell.length_c   101.188
_cell.angle_alpha   90.00
_cell.angle_beta   90.60
_cell.angle_gamma   90.00
#
_symmetry.space_group_name_H-M   'C 1 2 1'
#
loop_
_entity.id
_entity.type
_entity.pdbx_description
1 polymer 'Tyrosine-protein kinase Fyn'
2 non-polymer 'PHOSPHATE ION'
3 non-polymer 1,2-ETHANEDIOL
4 water water
#
_entity_poly.entity_id   1
_entity_poly.type   'polypeptide(L)'
_entity_poly.pdbx_seq_one_letter_code
;GSHMEWYFGKLGRKDAERQLLSFGNPRGTFLIRESETTKGAYSLSIRDWDDMKGDHVKHYKIRKLDNGGYYITTRAQFET
LQQLVQHYSERAAGLCCRLVVPCHK
;
_entity_poly.pdbx_strand_id   A,B,C
#
# COMPACT_ATOMS: atom_id res chain seq x y z
N MET A 4 10.55 -19.94 20.87
CA MET A 4 9.88 -19.01 21.78
C MET A 4 8.42 -18.72 21.30
N GLU A 5 7.77 -17.69 21.83
CA GLU A 5 6.32 -17.71 21.90
C GLU A 5 5.74 -17.20 20.60
N TRP A 6 6.61 -16.69 19.73
CA TRP A 6 6.19 -16.32 18.39
C TRP A 6 6.29 -17.49 17.40
N TYR A 7 6.80 -18.63 17.84
CA TYR A 7 6.96 -19.78 16.94
C TYR A 7 5.78 -20.75 17.05
N PHE A 8 5.18 -21.06 15.91
CA PHE A 8 3.95 -21.85 15.82
C PHE A 8 4.13 -23.17 15.03
N GLY A 9 5.35 -23.42 14.54
CA GLY A 9 5.65 -24.73 13.97
C GLY A 9 4.88 -25.05 12.71
N LYS A 10 4.25 -26.21 12.68
CA LYS A 10 3.52 -26.67 11.49
C LYS A 10 2.10 -26.12 11.37
N LEU A 11 2.00 -24.80 11.23
CA LEU A 11 0.73 -24.11 11.12
C LEU A 11 0.48 -23.73 9.66
N GLY A 12 -0.64 -24.22 9.12
CA GLY A 12 -1.06 -23.85 7.78
C GLY A 12 -1.22 -22.35 7.60
N ARG A 13 -1.02 -21.90 6.36
CA ARG A 13 -1.09 -20.49 6.04
C ARG A 13 -2.47 -19.90 6.30
N LYS A 14 -3.52 -20.61 5.87
CA LYS A 14 -4.88 -20.13 6.10
C LYS A 14 -5.22 -20.14 7.57
N ASP A 15 -4.69 -21.13 8.29
CA ASP A 15 -4.89 -21.24 9.72
C ASP A 15 -4.24 -20.07 10.45
N ALA A 16 -3.03 -19.75 10.01
CA ALA A 16 -2.30 -18.62 10.55
C ALA A 16 -3.13 -17.34 10.39
N GLU A 17 -3.66 -17.16 9.18
CA GLU A 17 -4.46 -15.95 8.92
C GLU A 17 -5.63 -15.93 9.84
N ARG A 18 -6.28 -17.08 9.95
CA ARG A 18 -7.40 -17.24 10.88
C ARG A 18 -7.01 -16.79 12.29
N GLN A 19 -5.85 -17.23 12.79
CA GLN A 19 -5.53 -16.92 14.18
C GLN A 19 -5.18 -15.45 14.33
N LEU A 20 -4.36 -14.95 13.40
CA LEU A 20 -3.96 -13.55 13.43
C LEU A 20 -5.16 -12.61 13.35
N LEU A 21 -6.16 -12.96 12.56
CA LEU A 21 -7.33 -12.07 12.36
C LEU A 21 -8.38 -12.17 13.47
N SER A 22 -8.08 -12.98 14.49
CA SER A 22 -8.96 -13.12 15.67
C SER A 22 -9.27 -11.74 16.27
N PHE A 23 -10.51 -11.50 16.66
CA PHE A 23 -10.84 -10.19 17.21
C PHE A 23 -10.06 -9.94 18.49
N GLY A 24 -9.38 -8.82 18.58
CA GLY A 24 -8.64 -8.50 19.78
C GLY A 24 -7.16 -8.33 19.55
N ASN A 25 -6.61 -9.08 18.61
CA ASN A 25 -5.20 -8.95 18.27
C ASN A 25 -4.98 -7.59 17.61
N PRO A 26 -3.97 -6.85 18.08
CA PRO A 26 -3.77 -5.54 17.46
C PRO A 26 -2.96 -5.59 16.17
N ARG A 27 -2.97 -4.50 15.41
CA ARG A 27 -2.10 -4.40 14.24
C ARG A 27 -0.65 -4.71 14.66
N GLY A 28 0.05 -5.55 13.90
CA GLY A 28 1.39 -5.95 14.27
C GLY A 28 1.49 -7.21 15.11
N THR A 29 0.38 -7.86 15.40
CA THR A 29 0.41 -9.19 16.01
C THR A 29 1.10 -10.08 14.97
N PHE A 30 1.99 -11.00 15.37
CA PHE A 30 2.77 -11.74 14.37
C PHE A 30 3.11 -13.17 14.84
N LEU A 31 3.54 -14.03 13.91
CA LEU A 31 4.02 -15.35 14.29
C LEU A 31 4.92 -15.84 13.18
N ILE A 32 5.65 -16.91 13.46
CA ILE A 32 6.48 -17.53 12.45
C ILE A 32 6.13 -18.99 12.38
N ARG A 33 6.19 -19.55 11.19
CA ARG A 33 5.71 -20.90 10.97
C ARG A 33 6.62 -21.58 9.97
N GLU A 34 6.69 -22.90 10.05
CA GLU A 34 7.44 -23.69 9.08
C GLU A 34 6.79 -23.63 7.70
N SER A 35 7.60 -23.51 6.63
CA SER A 35 7.05 -23.52 5.27
C SER A 35 6.74 -24.93 4.78
N GLU A 36 5.64 -25.07 4.04
CA GLU A 36 5.32 -26.29 3.34
C GLU A 36 5.84 -26.17 1.91
N THR A 37 5.57 -25.02 1.28
CA THR A 37 5.97 -24.74 -0.10
C THR A 37 7.47 -24.85 -0.34
N THR A 38 8.26 -24.39 0.62
CA THR A 38 9.72 -24.40 0.51
C THR A 38 10.34 -25.15 1.68
N LYS A 39 10.86 -26.35 1.42
CA LYS A 39 11.46 -27.15 2.49
C LYS A 39 12.62 -26.41 3.17
N GLY A 40 12.68 -26.49 4.50
CA GLY A 40 13.76 -25.88 5.27
C GLY A 40 13.61 -24.38 5.53
N ALA A 41 12.54 -23.79 5.02
CA ALA A 41 12.32 -22.35 5.20
C ALA A 41 11.17 -22.05 6.16
N TYR A 42 11.04 -20.78 6.56
CA TYR A 42 9.99 -20.34 7.45
C TYR A 42 9.15 -19.22 6.78
N SER A 43 8.00 -18.90 7.33
CA SER A 43 7.23 -17.75 6.87
C SER A 43 6.90 -16.91 8.07
N LEU A 44 7.10 -15.60 7.94
CA LEU A 44 6.70 -14.62 8.92
C LEU A 44 5.33 -14.07 8.50
N SER A 45 4.31 -14.25 9.34
CA SER A 45 2.96 -13.80 9.04
C SER A 45 2.60 -12.69 10.01
N ILE A 46 2.15 -11.55 9.49
CA ILE A 46 1.84 -10.37 10.30
C ILE A 46 0.44 -9.85 10.06
N ARG A 47 -0.28 -9.56 11.14
CA ARG A 47 -1.54 -8.84 11.03
C ARG A 47 -1.38 -7.33 10.79
N ASP A 48 -1.90 -6.85 9.66
CA ASP A 48 -1.74 -5.46 9.23
C ASP A 48 -3.13 -4.84 9.03
N TRP A 49 -3.17 -3.56 8.64
CA TRP A 49 -4.43 -2.82 8.45
C TRP A 49 -4.17 -1.64 7.54
N ASP A 50 -5.14 -1.35 6.68
CA ASP A 50 -5.15 -0.08 5.95
C ASP A 50 -6.61 0.39 5.73
N ASP A 51 -6.77 1.63 5.26
CA ASP A 51 -8.09 2.24 4.93
C ASP A 51 -9.01 1.52 3.95
N MET A 52 -8.43 0.60 3.21
CA MET A 52 -9.13 0.11 2.03
C MET A 52 -9.58 -1.29 2.32
N LYS A 53 -8.56 -2.06 2.71
CA LYS A 53 -8.66 -3.47 2.98
C LYS A 53 -9.21 -3.75 4.37
N GLY A 54 -8.93 -2.85 5.32
CA GLY A 54 -9.24 -3.17 6.71
C GLY A 54 -8.21 -4.21 7.22
N ASP A 55 -8.58 -5.02 8.22
CA ASP A 55 -7.66 -5.98 8.85
C ASP A 55 -7.29 -7.07 7.84
N HIS A 56 -6.00 -7.33 7.67
CA HIS A 56 -5.57 -8.38 6.75
C HIS A 56 -4.19 -8.85 7.18
N VAL A 57 -3.62 -9.79 6.45
CA VAL A 57 -2.39 -10.45 6.89
C VAL A 57 -1.38 -10.51 5.77
N LYS A 58 -0.13 -10.15 6.08
CA LYS A 58 0.95 -10.26 5.10
C LYS A 58 1.90 -11.40 5.52
N HIS A 59 2.48 -12.08 4.51
CA HIS A 59 3.38 -13.21 4.73
C HIS A 59 4.70 -12.92 4.07
N TYR A 60 5.79 -13.21 4.76
CA TYR A 60 7.12 -12.99 4.23
C TYR A 60 7.96 -14.26 4.32
N LYS A 61 8.63 -14.66 3.26
CA LYS A 61 9.46 -15.84 3.34
C LYS A 61 10.76 -15.53 4.07
N ILE A 62 11.18 -16.46 4.92
CA ILE A 62 12.51 -16.41 5.52
C ILE A 62 13.24 -17.63 5.03
N ARG A 63 14.26 -17.42 4.21
CA ARG A 63 14.98 -18.51 3.57
C ARG A 63 16.33 -18.71 4.26
N LYS A 64 16.85 -19.92 4.19
CA LYS A 64 18.10 -20.24 4.88
C LYS A 64 19.29 -19.82 4.02
N LEU A 65 20.17 -18.99 4.58
CA LEU A 65 21.43 -18.70 3.87
C LEU A 65 22.34 -19.92 3.81
N ASP A 66 23.00 -20.10 2.67
CA ASP A 66 24.08 -21.07 2.57
C ASP A 66 25.19 -20.59 3.47
N ASN A 67 25.81 -21.52 4.20
CA ASN A 67 26.82 -21.21 5.20
C ASN A 67 26.24 -20.48 6.42
N GLY A 68 24.96 -20.70 6.71
CA GLY A 68 24.38 -20.29 7.98
C GLY A 68 23.64 -18.96 8.06
N GLY A 69 22.64 -18.90 8.95
CA GLY A 69 21.85 -17.69 9.17
C GLY A 69 20.61 -17.66 8.28
N TYR A 70 19.87 -16.55 8.27
CA TYR A 70 18.62 -16.46 7.50
C TYR A 70 18.48 -15.13 6.76
N TYR A 71 17.69 -15.10 5.68
CA TYR A 71 17.33 -13.80 5.08
C TYR A 71 15.85 -13.67 4.74
N ILE A 72 15.43 -12.41 4.72
CA ILE A 72 14.06 -12.02 4.43
C ILE A 72 14.20 -11.00 3.32
N THR A 73 13.27 -11.02 2.40
CA THR A 73 13.29 -10.09 1.30
C THR A 73 12.07 -9.21 1.44
N THR A 74 12.29 -7.90 1.29
CA THR A 74 11.16 -6.98 1.24
C THR A 74 11.21 -6.22 -0.06
N ARG A 75 10.06 -5.77 -0.53
CA ARG A 75 10.00 -5.24 -1.86
C ARG A 75 8.93 -4.15 -1.93
N ALA A 76 9.25 -3.07 -2.63
CA ALA A 76 8.37 -1.91 -2.75
C ALA A 76 8.18 -1.59 -4.22
N GLN A 77 6.92 -1.37 -4.61
CA GLN A 77 6.54 -1.15 -6.00
C GLN A 77 5.95 0.23 -6.19
N PHE A 78 6.17 0.80 -7.37
CA PHE A 78 5.73 2.18 -7.69
C PHE A 78 5.36 2.30 -9.13
N GLU A 79 4.38 3.16 -9.41
CA GLU A 79 3.96 3.43 -10.79
C GLU A 79 5.00 4.25 -11.51
N THR A 80 5.60 5.21 -10.80
CA THR A 80 6.59 6.12 -11.42
C THR A 80 7.81 6.37 -10.49
N LEU A 81 8.95 6.77 -11.07
CA LEU A 81 10.14 7.17 -10.30
C LEU A 81 9.75 8.30 -9.38
N GLN A 82 8.73 9.03 -9.80
CA GLN A 82 8.28 10.20 -9.09
C GLN A 82 7.66 9.81 -7.80
N GLN A 83 6.83 8.80 -7.82
CA GLN A 83 6.24 8.46 -6.56
C GLN A 83 7.30 7.63 -5.76
N LEU A 84 8.26 7.04 -6.44
CA LEU A 84 9.33 6.31 -5.69
C LEU A 84 10.04 7.33 -4.83
N VAL A 85 10.52 8.39 -5.46
CA VAL A 85 11.21 9.43 -4.73
C VAL A 85 10.31 9.99 -3.61
N GLN A 86 9.01 10.15 -3.85
CA GLN A 86 8.20 10.72 -2.78
C GLN A 86 8.08 9.75 -1.59
N HIS A 87 8.02 8.45 -1.88
CA HIS A 87 7.81 7.47 -0.84
C HIS A 87 9.00 7.49 0.12
N TYR A 88 10.20 7.63 -0.41
CA TYR A 88 11.39 7.48 0.42
C TYR A 88 11.84 8.83 0.98
N SER A 89 11.19 9.89 0.52
CA SER A 89 11.38 11.21 1.14
C SER A 89 10.62 11.28 2.47
N GLU A 90 9.58 10.45 2.58
CA GLU A 90 8.76 10.43 3.78
C GLU A 90 9.26 9.49 4.85
N ARG A 91 9.93 8.43 4.44
CA ARG A 91 10.28 7.34 5.34
C ARG A 91 11.35 6.46 4.70
N ALA A 92 12.42 6.15 5.44
CA ALA A 92 13.49 5.30 4.94
C ALA A 92 12.94 3.97 4.47
N ALA A 93 12.03 3.40 5.26
CA ALA A 93 11.25 2.22 4.89
C ALA A 93 12.07 1.11 4.25
N GLY A 94 13.24 0.81 4.83
CA GLY A 94 14.05 -0.25 4.27
C GLY A 94 15.37 0.19 3.69
N LEU A 95 15.45 1.46 3.29
CA LEU A 95 16.71 1.99 2.77
C LEU A 95 17.57 2.50 3.92
N CYS A 96 18.79 2.92 3.63
CA CYS A 96 19.71 3.34 4.72
C CYS A 96 19.17 4.57 5.48
N CYS A 97 18.45 5.45 4.77
CA CYS A 97 17.92 6.66 5.39
C CYS A 97 16.92 7.32 4.43
N ARG A 98 16.17 8.29 4.93
CA ARG A 98 15.26 9.09 4.08
C ARG A 98 16.01 9.91 3.04
N LEU A 99 15.39 10.05 1.87
CA LEU A 99 15.85 11.00 0.85
C LEU A 99 15.54 12.42 1.34
N VAL A 100 16.51 13.32 1.26
CA VAL A 100 16.28 14.65 1.82
C VAL A 100 16.47 15.76 0.82
N VAL A 101 17.34 15.54 -0.17
CA VAL A 101 17.59 16.58 -1.17
C VAL A 101 18.32 15.98 -2.37
N PRO A 102 17.83 16.29 -3.59
CA PRO A 102 18.50 15.92 -4.84
C PRO A 102 19.94 16.39 -4.84
N CYS A 103 20.87 15.57 -5.31
CA CYS A 103 22.24 16.05 -5.50
C CYS A 103 22.24 17.23 -6.49
N HIS A 104 23.09 18.21 -6.26
CA HIS A 104 23.16 19.41 -7.10
C HIS A 104 23.91 19.13 -8.38
N LYS A 105 23.56 19.86 -9.44
CA LYS A 105 24.22 19.74 -10.72
C LYS A 105 25.44 20.65 -10.78
N MET B 4 -8.67 -7.42 -3.09
CA MET B 4 -9.75 -6.46 -3.15
C MET B 4 -10.38 -6.48 -4.53
N GLU B 5 -11.29 -7.39 -4.73
CA GLU B 5 -11.83 -7.70 -6.05
CA GLU B 5 -11.81 -7.69 -6.07
C GLU B 5 -12.49 -6.50 -6.73
N TRP B 6 -13.12 -5.65 -5.92
CA TRP B 6 -13.95 -4.56 -6.45
C TRP B 6 -13.17 -3.28 -6.76
N TYR B 7 -11.88 -3.29 -6.45
CA TYR B 7 -11.05 -2.09 -6.62
C TYR B 7 -10.31 -2.05 -7.95
N PHE B 8 -10.45 -0.93 -8.65
CA PHE B 8 -9.97 -0.80 -10.02
C PHE B 8 -8.99 0.34 -10.19
N GLY B 9 -8.60 0.94 -9.07
CA GLY B 9 -7.54 1.93 -9.08
C GLY B 9 -7.82 3.12 -9.97
N LYS B 10 -6.85 3.46 -10.80
CA LYS B 10 -7.00 4.56 -11.73
C LYS B 10 -7.85 4.06 -12.87
N LEU B 11 -9.10 4.51 -12.90
CA LEU B 11 -9.99 4.18 -13.99
C LEU B 11 -10.96 5.34 -14.16
N GLY B 12 -10.97 5.92 -15.35
CA GLY B 12 -11.81 7.07 -15.63
C GLY B 12 -13.28 6.70 -15.56
N ARG B 13 -14.12 7.73 -15.46
CA ARG B 13 -15.56 7.55 -15.34
C ARG B 13 -16.17 6.85 -16.55
N LYS B 14 -15.79 7.28 -17.75
CA LYS B 14 -16.42 6.71 -18.96
C LYS B 14 -15.96 5.27 -19.14
N ASP B 15 -14.68 4.99 -18.91
CA ASP B 15 -14.19 3.62 -18.97
C ASP B 15 -14.86 2.70 -17.93
N ALA B 16 -15.13 3.22 -16.75
CA ALA B 16 -15.87 2.48 -15.74
C ALA B 16 -17.24 2.11 -16.27
N GLU B 17 -17.87 3.08 -16.93
CA GLU B 17 -19.22 2.84 -17.45
C GLU B 17 -19.15 1.73 -18.53
N ARG B 18 -18.17 1.80 -19.43
CA ARG B 18 -18.06 0.82 -20.49
C ARG B 18 -17.88 -0.57 -19.90
N GLN B 19 -17.03 -0.64 -18.89
CA GLN B 19 -16.73 -1.91 -18.26
C GLN B 19 -17.94 -2.47 -17.58
N LEU B 20 -18.62 -1.63 -16.79
CA LEU B 20 -19.78 -2.10 -16.06
C LEU B 20 -20.89 -2.54 -17.02
N LEU B 21 -21.02 -1.86 -18.18
CA LEU B 21 -22.07 -2.15 -19.15
C LEU B 21 -21.74 -3.30 -20.12
N SER B 22 -20.61 -3.94 -19.88
CA SER B 22 -20.22 -5.13 -20.64
C SER B 22 -21.41 -6.09 -20.60
N PHE B 23 -21.65 -6.84 -21.67
CA PHE B 23 -22.82 -7.70 -21.69
C PHE B 23 -22.67 -8.87 -20.75
N GLY B 24 -23.67 -9.09 -19.91
CA GLY B 24 -23.60 -10.18 -18.96
C GLY B 24 -23.42 -9.76 -17.50
N ASN B 25 -22.94 -8.54 -17.29
CA ASN B 25 -22.96 -7.97 -15.95
C ASN B 25 -24.39 -7.69 -15.48
N PRO B 26 -24.77 -8.25 -14.32
CA PRO B 26 -26.11 -8.08 -13.74
C PRO B 26 -26.35 -6.72 -13.09
N ARG B 27 -27.61 -6.40 -12.82
CA ARG B 27 -27.89 -5.23 -12.01
C ARG B 27 -27.15 -5.37 -10.65
N GLY B 28 -26.49 -4.31 -10.22
CA GLY B 28 -25.75 -4.40 -8.97
C GLY B 28 -24.27 -4.73 -9.10
N THR B 29 -23.81 -4.93 -10.32
CA THR B 29 -22.39 -5.11 -10.53
C THR B 29 -21.74 -3.76 -10.19
N PHE B 30 -20.60 -3.77 -9.48
CA PHE B 30 -20.00 -2.50 -9.05
C PHE B 30 -18.46 -2.53 -9.01
N LEU B 31 -17.87 -1.36 -8.82
CA LEU B 31 -16.43 -1.23 -8.58
C LEU B 31 -16.18 0.08 -7.84
N ILE B 32 -15.02 0.17 -7.19
CA ILE B 32 -14.58 1.42 -6.62
C ILE B 32 -13.34 1.78 -7.41
N ARG B 33 -13.11 3.07 -7.64
CA ARG B 33 -11.97 3.54 -8.41
C ARG B 33 -11.59 4.88 -7.85
N GLU B 34 -10.39 5.36 -8.21
CA GLU B 34 -9.98 6.71 -7.88
C GLU B 34 -10.91 7.71 -8.56
N SER B 35 -11.30 8.77 -7.87
CA SER B 35 -12.14 9.78 -8.48
C SER B 35 -11.34 10.58 -9.49
N GLU B 36 -11.91 10.88 -10.64
CA GLU B 36 -11.15 11.74 -11.53
C GLU B 36 -11.55 13.20 -11.38
N THR B 37 -12.46 13.51 -10.45
CA THR B 37 -12.84 14.91 -10.21
C THR B 37 -12.31 15.44 -8.88
N THR B 38 -12.49 14.68 -7.81
CA THR B 38 -12.06 15.17 -6.49
C THR B 38 -10.75 14.53 -6.06
N LYS B 39 -9.75 15.37 -5.78
CA LYS B 39 -8.42 14.88 -5.38
C LYS B 39 -8.53 14.02 -4.15
N GLY B 40 -8.03 12.80 -4.24
CA GLY B 40 -7.93 11.92 -3.08
C GLY B 40 -9.24 11.33 -2.66
N ALA B 41 -10.27 11.50 -3.48
CA ALA B 41 -11.54 10.86 -3.20
C ALA B 41 -11.71 9.63 -4.07
N TYR B 42 -12.68 8.81 -3.74
CA TYR B 42 -12.98 7.66 -4.58
C TYR B 42 -14.40 7.78 -5.17
N SER B 43 -14.74 6.85 -6.05
CA SER B 43 -16.10 6.75 -6.60
C SER B 43 -16.59 5.32 -6.61
N LEU B 44 -17.80 5.10 -6.09
CA LEU B 44 -18.47 3.81 -6.17
C LEU B 44 -19.33 3.88 -7.44
N SER B 45 -18.95 3.14 -8.47
CA SER B 45 -19.71 3.05 -9.72
C SER B 45 -20.53 1.75 -9.71
N ILE B 46 -21.80 1.88 -10.06
CA ILE B 46 -22.78 0.81 -9.89
C ILE B 46 -23.63 0.66 -11.14
N ARG B 47 -23.77 -0.57 -11.63
CA ARG B 47 -24.61 -0.79 -12.80
C ARG B 47 -26.05 -0.89 -12.35
N ASP B 48 -26.90 0.02 -12.80
CA ASP B 48 -28.29 0.02 -12.32
C ASP B 48 -29.27 -0.20 -13.51
N TRP B 49 -30.56 -0.27 -13.23
CA TRP B 49 -31.57 -0.33 -14.30
C TRP B 49 -32.84 0.40 -13.86
N ASP B 50 -33.51 1.10 -14.80
CA ASP B 50 -34.87 1.51 -14.56
C ASP B 50 -35.63 1.49 -15.93
N ASP B 51 -36.93 1.57 -15.88
CA ASP B 51 -37.73 1.33 -17.10
C ASP B 51 -37.76 2.54 -18.06
N MET B 52 -36.96 3.57 -17.81
CA MET B 52 -36.84 4.68 -18.75
C MET B 52 -35.52 4.65 -19.51
N LYS B 53 -34.40 4.59 -18.75
CA LYS B 53 -33.04 4.45 -19.28
C LYS B 53 -32.68 3.01 -19.63
N GLY B 54 -33.30 2.03 -19.00
CA GLY B 54 -32.78 0.70 -19.19
C GLY B 54 -31.45 0.60 -18.38
N ASP B 55 -30.50 -0.20 -18.84
CA ASP B 55 -29.22 -0.33 -18.14
C ASP B 55 -28.44 0.97 -18.26
N HIS B 56 -27.87 1.40 -17.13
CA HIS B 56 -27.00 2.56 -17.07
C HIS B 56 -26.14 2.43 -15.79
N VAL B 57 -25.28 3.39 -15.52
CA VAL B 57 -24.39 3.34 -14.36
C VAL B 57 -24.61 4.60 -13.51
N LYS B 58 -24.69 4.44 -12.19
CA LYS B 58 -24.67 5.60 -11.27
C LYS B 58 -23.35 5.62 -10.48
N HIS B 59 -22.96 6.81 -10.04
CA HIS B 59 -21.67 7.09 -9.42
C HIS B 59 -21.93 7.81 -8.13
N TYR B 60 -21.24 7.38 -7.07
CA TYR B 60 -21.39 8.04 -5.79
C TYR B 60 -20.01 8.45 -5.30
N LYS B 61 -19.89 9.68 -4.78
CA LYS B 61 -18.57 10.12 -4.36
C LYS B 61 -18.22 9.62 -2.95
N ILE B 62 -17.03 9.07 -2.80
CA ILE B 62 -16.57 8.68 -1.45
C ILE B 62 -15.43 9.57 -1.08
N ARG B 63 -15.65 10.44 -0.10
CA ARG B 63 -14.62 11.33 0.41
C ARG B 63 -14.01 10.86 1.73
N LYS B 64 -12.77 11.26 1.96
CA LYS B 64 -12.03 10.96 3.20
C LYS B 64 -12.51 11.79 4.38
N LEU B 65 -12.74 11.14 5.51
CA LEU B 65 -13.10 11.88 6.70
C LEU B 65 -11.89 12.61 7.26
N ASP B 66 -12.12 13.61 8.09
CA ASP B 66 -11.02 14.41 8.61
C ASP B 66 -10.16 13.58 9.58
N ASN B 67 -10.78 12.94 10.55
CA ASN B 67 -10.05 12.21 11.59
C ASN B 67 -10.08 10.70 11.37
N GLY B 68 -10.07 10.29 10.10
CA GLY B 68 -9.99 8.88 9.75
C GLY B 68 -11.26 8.32 9.13
N GLY B 69 -11.12 7.53 8.08
CA GLY B 69 -12.25 6.83 7.48
C GLY B 69 -12.85 7.55 6.28
N TYR B 70 -14.03 7.11 5.84
CA TYR B 70 -14.66 7.68 4.65
C TYR B 70 -16.14 7.99 4.86
N TYR B 71 -16.67 8.86 3.99
CA TYR B 71 -18.12 9.00 3.92
C TYR B 71 -18.66 9.07 2.49
N ILE B 72 -19.85 8.52 2.35
CA ILE B 72 -20.49 8.49 1.07
C ILE B 72 -21.72 9.41 1.25
N THR B 73 -22.12 10.07 0.17
CA THR B 73 -23.15 11.08 0.21
C THR B 73 -24.21 10.71 -0.85
N THR B 74 -25.47 10.85 -0.50
CA THR B 74 -26.56 10.64 -1.45
C THR B 74 -27.54 11.79 -1.36
N ARG B 75 -28.18 12.09 -2.49
CA ARG B 75 -29.11 13.19 -2.56
C ARG B 75 -30.39 12.65 -3.18
N ALA B 76 -31.53 13.15 -2.70
CA ALA B 76 -32.82 12.89 -3.35
C ALA B 76 -33.46 14.25 -3.66
N GLN B 77 -34.06 14.35 -4.85
CA GLN B 77 -34.67 15.59 -5.32
C GLN B 77 -36.15 15.47 -5.40
N PHE B 78 -36.82 16.58 -5.09
CA PHE B 78 -38.27 16.65 -5.03
C PHE B 78 -38.79 18.00 -5.55
N GLU B 79 -39.98 17.98 -6.14
CA GLU B 79 -40.61 19.21 -6.63
C GLU B 79 -41.05 20.14 -5.50
N THR B 80 -41.64 19.55 -4.45
CA THR B 80 -42.22 20.31 -3.33
C THR B 80 -41.88 19.63 -1.98
N LEU B 81 -42.02 20.34 -0.87
CA LEU B 81 -41.86 19.74 0.45
C LEU B 81 -42.92 18.66 0.66
N GLN B 82 -44.10 18.82 0.09
CA GLN B 82 -45.18 17.90 0.36
C GLN B 82 -44.81 16.60 -0.27
N GLN B 83 -44.21 16.60 -1.44
CA GLN B 83 -43.87 15.28 -1.96
C GLN B 83 -42.61 14.68 -1.25
N LEU B 84 -41.75 15.50 -0.65
CA LEU B 84 -40.61 14.94 0.14
C LEU B 84 -41.21 14.21 1.33
N VAL B 85 -42.12 14.87 2.06
CA VAL B 85 -42.81 14.26 3.20
C VAL B 85 -43.57 12.97 2.85
N GLN B 86 -44.34 13.01 1.75
CA GLN B 86 -45.05 11.85 1.26
C GLN B 86 -44.12 10.65 1.09
N HIS B 87 -43.04 10.90 0.36
CA HIS B 87 -42.07 9.89 0.01
C HIS B 87 -41.39 9.24 1.26
N TYR B 88 -40.86 10.04 2.19
CA TYR B 88 -40.16 9.43 3.35
C TYR B 88 -41.15 8.88 4.37
N SER B 89 -42.44 9.18 4.16
CA SER B 89 -43.52 8.58 4.92
C SER B 89 -43.68 7.15 4.47
N GLU B 90 -43.23 6.85 3.26
CA GLU B 90 -43.37 5.50 2.69
C GLU B 90 -42.21 4.56 3.03
N ARG B 91 -40.98 5.02 2.86
CA ARG B 91 -39.80 4.27 3.27
C ARG B 91 -38.71 5.22 3.78
N ALA B 92 -37.89 4.73 4.70
CA ALA B 92 -36.75 5.50 5.24
C ALA B 92 -35.76 5.91 4.15
N ALA B 93 -35.38 4.94 3.31
CA ALA B 93 -34.49 5.12 2.16
C ALA B 93 -33.34 6.12 2.38
N GLY B 94 -32.51 5.87 3.38
CA GLY B 94 -31.40 6.76 3.66
C GLY B 94 -31.52 7.58 4.93
N LEU B 95 -32.75 7.93 5.32
CA LEU B 95 -32.99 8.63 6.60
C LEU B 95 -32.95 7.65 7.78
N CYS B 96 -33.02 8.19 8.98
CA CYS B 96 -32.80 7.37 10.20
C CYS B 96 -33.99 6.45 10.36
N CYS B 97 -35.15 6.91 9.89
CA CYS B 97 -36.36 6.11 9.91
C CYS B 97 -37.40 6.80 9.06
N ARG B 98 -38.47 6.07 8.77
CA ARG B 98 -39.54 6.64 7.96
C ARG B 98 -40.36 7.64 8.82
N LEU B 99 -40.97 8.62 8.16
CA LEU B 99 -41.73 9.65 8.88
C LEU B 99 -43.06 9.08 9.26
N VAL B 100 -43.49 9.18 10.52
CA VAL B 100 -44.80 8.58 10.81
C VAL B 100 -45.91 9.55 11.23
N VAL B 101 -45.57 10.70 11.81
CA VAL B 101 -46.63 11.64 12.20
C VAL B 101 -46.08 13.03 12.45
N PRO B 102 -46.80 14.07 11.98
CA PRO B 102 -46.30 15.43 12.27
C PRO B 102 -46.35 15.73 13.76
N CYS B 103 -45.38 16.50 14.24
CA CYS B 103 -45.35 16.91 15.64
C CYS B 103 -46.53 17.81 15.97
N HIS B 104 -47.25 17.54 17.05
CA HIS B 104 -48.35 18.43 17.44
C HIS B 104 -47.78 19.80 17.75
N LYS B 105 -48.58 20.83 17.48
CA LYS B 105 -48.08 22.20 17.43
C LYS B 105 -47.89 22.86 18.80
N SER C 2 6.01 17.75 -10.85
CA SER C 2 6.98 16.93 -11.58
C SER C 2 8.40 17.51 -11.55
N HIS C 3 9.19 17.09 -10.57
CA HIS C 3 10.61 17.46 -10.50
C HIS C 3 11.46 16.33 -11.05
N MET C 4 12.52 16.66 -11.79
CA MET C 4 13.48 15.62 -12.11
C MET C 4 14.92 16.07 -11.86
N GLU C 5 15.04 16.96 -10.89
CA GLU C 5 16.31 17.51 -10.47
C GLU C 5 17.22 16.37 -10.02
N TRP C 6 16.65 15.27 -9.53
CA TRP C 6 17.45 14.16 -9.02
C TRP C 6 17.90 13.19 -10.11
N TYR C 7 17.47 13.39 -11.35
CA TYR C 7 17.82 12.47 -12.43
C TYR C 7 19.12 12.89 -13.11
N PHE C 8 20.03 11.94 -13.25
CA PHE C 8 21.39 12.24 -13.73
C PHE C 8 21.73 11.46 -14.96
N GLY C 9 20.83 10.57 -15.39
CA GLY C 9 21.02 9.88 -16.66
C GLY C 9 22.15 8.87 -16.63
N LYS C 10 23.02 8.95 -17.63
CA LYS C 10 24.17 8.06 -17.70
C LYS C 10 25.25 8.61 -16.78
N LEU C 11 25.26 8.15 -15.54
CA LEU C 11 26.36 8.47 -14.66
C LEU C 11 26.84 7.16 -14.05
N GLY C 12 28.15 6.96 -14.03
CA GLY C 12 28.71 5.75 -13.46
C GLY C 12 28.57 5.65 -11.95
N ARG C 13 28.70 4.44 -11.44
CA ARG C 13 28.64 4.22 -10.00
C ARG C 13 29.73 5.03 -9.29
N LYS C 14 30.97 4.91 -9.73
CA LYS C 14 32.05 5.57 -9.02
C LYS C 14 31.89 7.09 -9.11
N ASP C 15 31.46 7.58 -10.27
CA ASP C 15 31.23 9.01 -10.50
C ASP C 15 30.09 9.59 -9.64
N ALA C 16 29.02 8.83 -9.52
CA ALA C 16 27.96 9.23 -8.62
C ALA C 16 28.51 9.30 -7.18
N GLU C 17 29.36 8.38 -6.84
CA GLU C 17 29.90 8.37 -5.49
C GLU C 17 30.69 9.65 -5.21
N ARG C 18 31.64 9.97 -6.10
CA ARG C 18 32.40 11.20 -5.97
C ARG C 18 31.51 12.46 -5.93
N GLN C 19 30.57 12.60 -6.87
CA GLN C 19 29.65 13.74 -6.86
C GLN C 19 28.92 13.85 -5.53
N LEU C 20 28.38 12.72 -5.05
CA LEU C 20 27.58 12.71 -3.82
C LEU C 20 28.42 13.06 -2.58
N LEU C 21 29.65 12.57 -2.54
CA LEU C 21 30.53 12.77 -1.39
C LEU C 21 31.23 14.13 -1.35
N SER C 22 30.85 15.08 -2.20
CA SER C 22 31.56 16.35 -2.17
C SER C 22 31.09 17.20 -0.99
N PHE C 23 31.93 18.16 -0.61
CA PHE C 23 31.69 19.05 0.54
C PHE C 23 30.28 19.62 0.55
N GLY C 24 29.58 19.53 1.68
CA GLY C 24 28.37 20.30 1.86
C GLY C 24 27.09 19.56 1.53
N ASN C 25 27.19 18.42 0.85
CA ASN C 25 26.02 17.55 0.66
C ASN C 25 25.68 16.83 1.96
N PRO C 26 24.45 17.03 2.46
CA PRO C 26 24.09 16.42 3.73
C PRO C 26 23.77 14.95 3.59
N ARG C 27 23.63 14.29 4.73
CA ARG C 27 23.12 12.94 4.76
C ARG C 27 21.79 12.94 4.03
N GLY C 28 21.54 11.94 3.19
CA GLY C 28 20.27 11.85 2.50
C GLY C 28 20.21 12.61 1.17
N THR C 29 21.32 13.24 0.81
CA THR C 29 21.52 13.67 -0.58
C THR C 29 21.46 12.48 -1.54
N PHE C 30 20.74 12.60 -2.65
CA PHE C 30 20.55 11.42 -3.47
C PHE C 30 20.45 11.74 -4.96
N LEU C 31 20.51 10.71 -5.80
CA LEU C 31 20.26 10.89 -7.21
C LEU C 31 19.87 9.54 -7.79
N ILE C 32 19.24 9.58 -8.96
CA ILE C 32 18.87 8.38 -9.69
C ILE C 32 19.61 8.44 -11.03
N ARG C 33 20.08 7.28 -11.49
CA ARG C 33 20.94 7.20 -12.69
C ARG C 33 20.65 5.88 -13.37
N GLU C 34 21.11 5.73 -14.61
CA GLU C 34 21.00 4.45 -15.33
C GLU C 34 21.84 3.40 -14.61
N SER C 35 21.33 2.17 -14.51
CA SER C 35 22.17 1.10 -13.93
C SER C 35 23.32 0.74 -14.89
N GLU C 36 24.53 0.61 -14.34
CA GLU C 36 25.71 0.19 -15.12
C GLU C 36 25.73 -1.31 -15.38
N THR C 37 25.06 -2.08 -14.51
CA THR C 37 25.16 -3.54 -14.50
C THR C 37 23.96 -4.25 -15.10
N THR C 38 22.79 -3.62 -15.02
CA THR C 38 21.52 -4.22 -15.47
C THR C 38 20.77 -3.36 -16.52
N LYS C 39 20.77 -3.79 -17.78
CA LYS C 39 20.17 -2.98 -18.84
C LYS C 39 18.71 -2.72 -18.49
N GLY C 40 18.28 -1.47 -18.72
CA GLY C 40 16.92 -1.07 -18.46
C GLY C 40 16.61 -0.72 -17.01
N ALA C 41 17.50 -1.06 -16.09
CA ALA C 41 17.26 -0.72 -14.68
C ALA C 41 17.88 0.62 -14.30
N TYR C 42 17.43 1.20 -13.18
CA TYR C 42 18.05 2.41 -12.65
C TYR C 42 18.79 2.12 -11.34
N SER C 43 19.52 3.09 -10.80
CA SER C 43 20.07 2.94 -9.45
C SER C 43 19.79 4.18 -8.64
N LEU C 44 19.38 3.96 -7.40
CA LEU C 44 19.16 5.05 -6.46
C LEU C 44 20.44 5.10 -5.60
N SER C 45 21.21 6.18 -5.67
CA SER C 45 22.48 6.32 -4.95
C SER C 45 22.22 7.39 -3.89
N ILE C 46 22.55 7.06 -2.64
CA ILE C 46 22.25 7.92 -1.50
C ILE C 46 23.50 8.16 -0.66
N ARG C 47 23.75 9.39 -0.23
CA ARG C 47 24.80 9.64 0.75
C ARG C 47 24.29 9.40 2.19
N ASP C 48 25.01 8.58 2.94
CA ASP C 48 24.63 8.28 4.31
C ASP C 48 25.85 8.50 5.21
N TRP C 49 25.66 8.39 6.51
CA TRP C 49 26.74 8.57 7.49
C TRP C 49 26.42 7.78 8.76
N ASP C 50 27.47 7.24 9.39
CA ASP C 50 27.34 6.67 10.71
C ASP C 50 28.70 6.76 11.43
N ASP C 51 28.68 6.55 12.75
CA ASP C 51 29.84 6.56 13.70
C ASP C 51 31.11 5.81 13.31
N MET C 52 30.95 4.86 12.41
CA MET C 52 32.00 3.90 12.18
C MET C 52 32.73 4.21 10.88
N LYS C 53 31.97 4.22 9.79
CA LYS C 53 32.45 4.50 8.43
C LYS C 53 32.53 5.98 8.04
N GLY C 54 31.73 6.85 8.65
CA GLY C 54 31.77 8.23 8.23
C GLY C 54 30.96 8.33 6.93
N ASP C 55 31.26 9.31 6.09
CA ASP C 55 30.52 9.55 4.84
C ASP C 55 30.72 8.33 3.95
N HIS C 56 29.60 7.79 3.43
CA HIS C 56 29.64 6.76 2.41
C HIS C 56 28.37 6.82 1.52
N VAL C 57 28.35 6.00 0.48
CA VAL C 57 27.22 6.02 -0.47
C VAL C 57 26.66 4.61 -0.56
N LYS C 58 25.35 4.49 -0.51
CA LYS C 58 24.66 3.22 -0.75
C LYS C 58 23.87 3.32 -2.07
N HIS C 59 23.89 2.25 -2.87
CA HIS C 59 23.21 2.17 -4.18
C HIS C 59 22.16 1.10 -4.09
N TYR C 60 20.96 1.36 -4.63
CA TYR C 60 19.83 0.41 -4.62
C TYR C 60 19.33 0.26 -6.07
N LYS C 61 19.23 -0.98 -6.53
CA LYS C 61 18.78 -1.23 -7.88
C LYS C 61 17.28 -0.94 -8.03
N ILE C 62 16.88 -0.22 -9.07
CA ILE C 62 15.44 0.02 -9.28
C ILE C 62 15.09 -0.75 -10.54
N ARG C 63 14.25 -1.77 -10.44
CA ARG C 63 14.00 -2.58 -11.60
C ARG C 63 12.60 -2.30 -12.12
N LYS C 64 12.38 -2.68 -13.37
CA LYS C 64 11.09 -2.48 -14.05
C LYS C 64 10.12 -3.62 -13.80
N LEU C 65 8.94 -3.31 -13.30
CA LEU C 65 7.84 -4.27 -13.32
C LEU C 65 7.49 -4.52 -14.78
N ASP C 66 7.10 -5.75 -15.11
CA ASP C 66 6.47 -5.96 -16.40
C ASP C 66 5.00 -5.62 -16.20
N ASN C 67 4.38 -5.06 -17.24
CA ASN C 67 3.09 -4.40 -17.11
C ASN C 67 3.22 -3.16 -16.24
N GLY C 68 4.35 -2.45 -16.41
CA GLY C 68 4.49 -1.08 -15.92
C GLY C 68 4.96 -0.77 -14.51
N GLY C 69 5.88 0.19 -14.40
CA GLY C 69 6.32 0.70 -13.11
C GLY C 69 7.67 0.17 -12.67
N TYR C 70 7.99 0.35 -11.39
CA TYR C 70 9.33 0.05 -10.89
C TYR C 70 9.26 -0.62 -9.54
N TYR C 71 10.35 -1.28 -9.13
CA TYR C 71 10.43 -1.76 -7.76
C TYR C 71 11.86 -1.82 -7.22
N ILE C 72 11.93 -1.72 -5.91
CA ILE C 72 13.20 -1.85 -5.19
C ILE C 72 13.08 -3.08 -4.30
N THR C 73 14.13 -3.88 -4.28
CA THR C 73 14.17 -5.02 -3.40
C THR C 73 15.30 -4.87 -2.38
N THR C 74 15.06 -5.30 -1.15
CA THR C 74 16.12 -5.41 -0.14
C THR C 74 16.11 -6.81 0.52
N ARG C 75 17.29 -7.30 0.84
CA ARG C 75 17.42 -8.53 1.60
C ARG C 75 18.06 -8.16 2.91
N ALA C 76 17.42 -8.57 4.00
CA ALA C 76 17.99 -8.41 5.32
C ALA C 76 18.41 -9.79 5.84
N GLN C 77 19.67 -9.95 6.22
CA GLN C 77 20.19 -11.21 6.78
C GLN C 77 20.38 -11.12 8.27
N PHE C 78 20.11 -12.24 8.94
CA PHE C 78 20.27 -12.34 10.38
C PHE C 78 20.94 -13.67 10.77
N GLU C 79 21.63 -13.69 11.90
CA GLU C 79 22.17 -14.94 12.40
C GLU C 79 21.08 -15.90 12.86
N THR C 80 20.10 -15.37 13.60
CA THR C 80 19.03 -16.18 14.17
C THR C 80 17.65 -15.53 13.88
N LEU C 81 16.56 -16.31 13.93
CA LEU C 81 15.20 -15.76 13.87
C LEU C 81 14.96 -14.75 14.98
N GLN C 82 15.54 -15.01 16.16
CA GLN C 82 15.34 -14.13 17.31
C GLN C 82 15.85 -12.74 16.99
N GLN C 83 16.96 -12.70 16.28
CA GLN C 83 17.58 -11.44 15.94
C GLN C 83 16.67 -10.70 14.91
N LEU C 84 16.00 -11.48 14.06
CA LEU C 84 15.12 -10.87 13.04
C LEU C 84 13.95 -10.27 13.76
N VAL C 85 13.41 -11.03 14.70
CA VAL C 85 12.24 -10.58 15.41
C VAL C 85 12.54 -9.28 16.16
N GLN C 86 13.63 -9.26 16.90
CA GLN C 86 14.04 -8.08 17.65
C GLN C 86 14.15 -6.84 16.76
N HIS C 87 14.78 -7.02 15.60
CA HIS C 87 15.06 -5.94 14.68
C HIS C 87 13.76 -5.30 14.21
N TYR C 88 12.82 -6.11 13.76
CA TYR C 88 11.62 -5.58 13.15
C TYR C 88 10.58 -5.18 14.20
N SER C 89 10.88 -5.50 15.46
CA SER C 89 10.11 -5.04 16.61
C SER C 89 10.45 -3.59 16.93
N GLU C 90 11.66 -3.18 16.52
CA GLU C 90 12.11 -1.82 16.78
C GLU C 90 11.55 -0.81 15.78
N ARG C 91 11.70 -1.12 14.50
CA ARG C 91 11.20 -0.29 13.40
C ARG C 91 10.63 -1.17 12.29
N ALA C 92 9.69 -0.63 11.49
CA ALA C 92 9.12 -1.38 10.40
C ALA C 92 10.19 -1.66 9.34
N ALA C 93 11.03 -0.66 9.09
CA ALA C 93 12.11 -0.74 8.11
C ALA C 93 11.87 -1.61 6.85
N GLY C 94 10.80 -1.40 6.11
CA GLY C 94 10.59 -2.19 4.90
C GLY C 94 9.47 -3.23 4.97
N LEU C 95 9.15 -3.69 6.18
CA LEU C 95 7.95 -4.52 6.36
C LEU C 95 6.66 -3.69 6.37
N CYS C 96 5.51 -4.35 6.21
CA CYS C 96 4.24 -3.64 6.25
C CYS C 96 4.09 -2.83 7.53
N CYS C 97 4.53 -3.38 8.66
CA CYS C 97 4.57 -2.63 9.92
C CYS C 97 5.48 -3.25 10.97
N ARG C 98 5.65 -2.53 12.07
CA ARG C 98 6.47 -2.95 13.22
C ARG C 98 5.87 -4.19 13.86
N LEU C 99 6.69 -5.14 14.31
CA LEU C 99 6.16 -6.31 15.02
C LEU C 99 5.81 -5.87 16.42
N VAL C 100 4.62 -6.20 16.88
CA VAL C 100 4.12 -5.59 18.12
C VAL C 100 3.98 -6.57 19.25
N VAL C 101 3.51 -7.76 18.94
CA VAL C 101 3.28 -8.75 19.98
C VAL C 101 3.09 -10.11 19.32
N PRO C 102 3.69 -11.18 19.90
CA PRO C 102 3.47 -12.51 19.34
C PRO C 102 2.00 -12.91 19.42
N CYS C 103 1.47 -13.56 18.39
CA CYS C 103 0.10 -14.09 18.47
C CYS C 103 -0.03 -15.04 19.67
N HIS C 104 -0.99 -14.77 20.56
CA HIS C 104 -1.25 -15.68 21.67
C HIS C 104 -1.64 -17.05 21.14
N LYS C 105 -1.41 -18.08 21.92
CA LYS C 105 -1.79 -19.42 21.51
C LYS C 105 -3.08 -19.81 22.24
#